data_1H7R
#
_entry.id   1H7R
#
_cell.length_a   103.100
_cell.length_b   103.100
_cell.length_c   168.000
_cell.angle_alpha   90.00
_cell.angle_beta   90.00
_cell.angle_gamma   90.00
#
_symmetry.space_group_name_H-M   'I 4 2 2'
#
loop_
_entity.id
_entity.type
_entity.pdbx_description
1 polymer '5-AMINOLAEVULINIC ACID DEHYDRATASE'
2 non-polymer '4,6-DIOXOHEPTANOIC ACID'
3 non-polymer 'ZINC ION'
4 water water
#
_entity_poly.entity_id   1
_entity_poly.type   'polypeptide(L)'
_entity_poly.pdbx_seq_one_letter_code
;MHTAEFLETEPTEISSVLAGGYNHPLLRQWQSERQLTKNMLIFPLFISDNPDDFTEIDSLPNINRIGVNRLKDYLKPLVA
KGLRSVILFGVPLIPGTKDPVGTAADDPAGPVIQGIKFIREYFPELYIICDVCLCEYTSHGHCGVLYDDGTINRERSVSR
LAAVAVNYAKAGAHCVAPSDMIDGRIRDIKRGLINANLAHKTFVLSYAAKFSGNLYGPFRDAACSAPSNGDRKCYQLPPA
GRGLARRALERDMSEGADGIIVKPSTFYLDIMRDASEICKDLPICAYHVSGEYAMLHAAAEKGVVDLKTIAFESHQGFLR
AGARLIITYLAPEFLDWLDEEN
;
_entity_poly.pdbx_strand_id   A
#
loop_
_chem_comp.id
_chem_comp.type
_chem_comp.name
_chem_comp.formula
SHU non-polymer '4,6-DIOXOHEPTANOIC ACID' 'C7 H10 O4'
ZN non-polymer 'ZINC ION' 'Zn 2'
#
# COMPACT_ATOMS: atom_id res chain seq x y z
N MET A 1 -26.26 -37.20 43.30
CA MET A 1 -25.04 -36.53 42.88
C MET A 1 -25.15 -36.09 41.42
N HIS A 2 -24.79 -34.84 41.10
CA HIS A 2 -24.87 -34.48 39.67
C HIS A 2 -23.76 -35.24 38.93
N THR A 3 -24.18 -36.14 38.04
CA THR A 3 -23.23 -36.96 37.30
C THR A 3 -23.06 -36.48 35.87
N ALA A 4 -21.95 -36.87 35.25
CA ALA A 4 -21.64 -36.50 33.87
C ALA A 4 -22.47 -37.34 32.90
N GLU A 5 -23.41 -36.69 32.23
CA GLU A 5 -24.26 -37.42 31.27
C GLU A 5 -23.59 -37.52 29.90
N PHE A 6 -23.94 -38.56 29.18
CA PHE A 6 -23.43 -38.83 27.83
C PHE A 6 -24.57 -39.34 26.94
N LEU A 7 -24.87 -38.59 25.88
CA LEU A 7 -25.95 -38.98 24.99
C LEU A 7 -25.58 -40.14 24.09
N GLU A 8 -26.62 -40.83 23.66
CA GLU A 8 -26.62 -41.97 22.74
C GLU A 8 -26.27 -41.45 21.33
N THR A 9 -25.10 -41.80 20.77
CA THR A 9 -24.79 -41.28 19.45
C THR A 9 -24.56 -42.39 18.43
N GLU A 10 -24.71 -42.02 17.16
CA GLU A 10 -24.50 -42.91 16.04
C GLU A 10 -23.04 -42.96 15.63
N PRO A 11 -22.74 -43.85 14.68
CA PRO A 11 -21.36 -43.96 14.17
C PRO A 11 -20.94 -42.68 13.47
N THR A 12 -19.65 -42.36 13.54
CA THR A 12 -19.13 -41.13 12.96
C THR A 12 -19.25 -41.06 11.46
N GLU A 13 -19.80 -39.95 10.97
CA GLU A 13 -19.91 -39.74 9.52
C GLU A 13 -18.55 -39.25 8.98
N ILE A 14 -18.05 -39.84 7.90
CA ILE A 14 -16.77 -39.41 7.35
C ILE A 14 -16.75 -37.91 7.06
N SER A 15 -17.87 -37.42 6.53
CA SER A 15 -18.06 -36.04 6.17
C SER A 15 -17.99 -35.09 7.35
N SER A 16 -17.79 -35.58 8.56
CA SER A 16 -17.71 -34.64 9.70
C SER A 16 -16.23 -34.44 10.08
N VAL A 17 -15.44 -35.42 9.69
CA VAL A 17 -14.03 -35.51 9.98
C VAL A 17 -13.16 -34.69 9.04
N LEU A 18 -12.70 -33.53 9.51
CA LEU A 18 -11.82 -32.67 8.72
C LEU A 18 -10.42 -32.61 9.35
N ALA A 19 -10.33 -32.99 10.62
CA ALA A 19 -9.12 -33.00 11.40
C ALA A 19 -7.98 -33.77 10.78
N GLY A 20 -8.26 -34.67 9.83
CA GLY A 20 -7.16 -35.41 9.23
C GLY A 20 -6.28 -34.52 8.37
N GLY A 21 -6.78 -33.34 8.03
CA GLY A 21 -6.02 -32.44 7.18
C GLY A 21 -5.21 -31.36 7.86
N TYR A 22 -5.37 -31.14 9.16
CA TYR A 22 -4.61 -30.09 9.82
C TYR A 22 -4.09 -30.50 11.19
N ASN A 23 -3.65 -31.73 11.35
CA ASN A 23 -3.18 -32.19 12.66
C ASN A 23 -1.67 -32.10 12.78
N HIS A 24 -0.96 -31.73 11.71
CA HIS A 24 0.50 -31.63 11.79
C HIS A 24 0.93 -30.20 11.47
N PRO A 25 2.07 -29.75 12.00
CA PRO A 25 2.52 -28.39 11.73
C PRO A 25 2.71 -28.12 10.24
N LEU A 26 3.34 -29.06 9.54
CA LEU A 26 3.56 -28.89 8.10
C LEU A 26 2.25 -28.86 7.34
N LEU A 27 1.23 -29.51 7.88
CA LEU A 27 -0.07 -29.53 7.22
C LEU A 27 -0.72 -28.15 7.27
N ARG A 28 -0.41 -27.41 8.34
CA ARG A 28 -0.99 -26.07 8.48
C ARG A 28 -0.50 -25.15 7.39
N GLN A 29 0.63 -25.53 6.78
CA GLN A 29 1.22 -24.79 5.67
C GLN A 29 0.60 -25.29 4.34
N TRP A 30 0.36 -26.59 4.32
CA TRP A 30 -0.22 -27.30 3.19
C TRP A 30 -1.63 -26.79 2.89
N GLN A 31 -2.32 -26.36 3.94
CA GLN A 31 -3.67 -25.88 3.87
C GLN A 31 -3.81 -24.45 3.38
N SER A 32 -2.72 -23.70 3.28
CA SER A 32 -2.84 -22.31 2.83
C SER A 32 -2.86 -22.20 1.32
N GLU A 33 -3.72 -21.32 0.81
CA GLU A 33 -3.83 -21.09 -0.63
C GLU A 33 -2.51 -20.62 -1.24
N ARG A 34 -1.78 -19.79 -0.49
CA ARG A 34 -0.50 -19.30 -0.94
C ARG A 34 0.44 -18.95 0.18
N GLN A 35 1.70 -19.31 0.01
CA GLN A 35 2.68 -19.06 1.07
C GLN A 35 3.36 -17.71 0.90
N LEU A 36 3.76 -17.16 2.03
CA LEU A 36 4.42 -15.88 2.15
C LEU A 36 5.90 -15.92 1.81
N THR A 37 6.30 -15.20 0.76
CA THR A 37 7.68 -15.09 0.34
C THR A 37 8.18 -13.65 0.48
N LYS A 38 9.49 -13.48 0.61
CA LYS A 38 10.08 -12.17 0.76
C LYS A 38 9.86 -11.29 -0.46
N ASN A 39 9.83 -11.89 -1.65
CA ASN A 39 9.63 -11.10 -2.85
C ASN A 39 8.17 -10.71 -3.05
N MET A 40 7.43 -10.68 -1.96
CA MET A 40 6.01 -10.32 -2.00
C MET A 40 5.80 -9.00 -1.24
N LEU A 41 6.86 -8.54 -0.58
CA LEU A 41 6.81 -7.36 0.25
C LEU A 41 7.30 -6.10 -0.45
N ILE A 42 6.51 -5.04 -0.28
CA ILE A 42 6.83 -3.73 -0.81
C ILE A 42 7.04 -2.75 0.35
N PHE A 43 8.28 -2.33 0.56
CA PHE A 43 8.58 -1.42 1.66
C PHE A 43 8.35 0.03 1.24
N PRO A 44 7.53 0.74 2.03
CA PRO A 44 7.28 2.16 1.72
C PRO A 44 8.42 3.06 2.22
N LEU A 45 8.66 4.14 1.48
CA LEU A 45 9.70 5.11 1.82
C LEU A 45 9.15 6.54 1.68
N PHE A 46 9.56 7.40 2.61
CA PHE A 46 9.12 8.80 2.59
C PHE A 46 10.33 9.70 2.35
N ILE A 47 10.60 10.05 1.10
CA ILE A 47 11.75 10.89 0.77
C ILE A 47 11.52 12.35 1.10
N SER A 48 12.52 12.94 1.76
CA SER A 48 12.47 14.34 2.18
C SER A 48 13.31 15.21 1.26
N ASP A 49 12.96 16.49 1.13
CA ASP A 49 13.79 17.35 0.28
C ASP A 49 15.13 17.64 0.91
N ASN A 50 15.21 17.52 2.23
CA ASN A 50 16.51 17.70 2.92
C ASN A 50 17.34 16.43 2.73
N PRO A 51 18.24 16.47 1.74
CA PRO A 51 19.06 15.31 1.41
C PRO A 51 19.77 14.70 2.60
N ASP A 52 19.72 15.35 3.76
CA ASP A 52 20.42 14.79 4.93
C ASP A 52 19.46 14.43 6.04
N ASP A 53 18.17 14.39 5.72
CA ASP A 53 17.14 14.05 6.68
C ASP A 53 17.25 12.59 7.15
N PHE A 54 16.47 12.30 8.18
CA PHE A 54 16.29 11.05 8.84
C PHE A 54 15.51 11.23 10.15
N THR A 55 14.21 11.48 9.97
CA THR A 55 13.30 11.75 11.06
C THR A 55 12.33 10.59 11.30
N GLU A 56 12.27 10.15 12.56
CA GLU A 56 11.35 9.06 12.91
C GLU A 56 9.97 9.64 13.23
N ILE A 57 8.94 9.05 12.66
CA ILE A 57 7.58 9.54 12.86
C ILE A 57 6.84 8.75 13.93
N ASP A 58 6.14 9.47 14.79
CA ASP A 58 5.32 8.98 15.86
C ASP A 58 5.91 7.85 16.66
N SER A 59 7.23 7.68 16.63
CA SER A 59 7.87 6.62 17.40
C SER A 59 7.78 5.27 16.68
N LEU A 60 7.26 5.28 15.46
CA LEU A 60 7.15 4.04 14.69
C LEU A 60 8.44 3.78 13.93
N PRO A 61 9.15 2.71 14.31
CA PRO A 61 10.42 2.31 13.76
C PRO A 61 10.50 2.18 12.27
N ASN A 62 9.43 1.80 11.57
CA ASN A 62 9.55 1.65 10.12
C ASN A 62 8.75 2.70 9.36
N ILE A 63 8.84 3.93 9.85
CA ILE A 63 8.21 5.11 9.28
C ILE A 63 9.12 6.33 9.50
N ASN A 64 10.04 6.53 8.55
CA ASN A 64 10.99 7.61 8.63
C ASN A 64 11.08 8.41 7.33
N ARG A 65 11.36 9.69 7.55
CA ARG A 65 11.60 10.69 6.51
C ARG A 65 13.11 10.72 6.20
N ILE A 66 13.50 10.15 5.07
CA ILE A 66 14.92 10.05 4.75
C ILE A 66 15.28 10.86 3.51
N GLY A 67 16.44 11.50 3.58
CA GLY A 67 16.94 12.26 2.45
C GLY A 67 17.80 11.34 1.60
N VAL A 68 18.07 11.74 0.36
CA VAL A 68 18.86 10.95 -0.56
C VAL A 68 20.20 10.55 0.02
N ASN A 69 20.83 11.41 0.82
CA ASN A 69 22.13 11.14 1.39
C ASN A 69 22.14 10.08 2.46
N ARG A 70 20.98 9.63 2.93
CA ARG A 70 20.95 8.59 3.96
C ARG A 70 20.36 7.30 3.39
N LEU A 71 19.74 7.42 2.22
CA LEU A 71 19.09 6.35 1.52
C LEU A 71 19.95 5.14 1.31
N LYS A 72 21.24 5.30 1.06
CA LYS A 72 22.09 4.12 0.84
C LYS A 72 22.16 3.23 2.05
N ASP A 73 22.79 3.73 3.11
CA ASP A 73 22.96 2.97 4.34
C ASP A 73 21.67 2.43 4.89
N TYR A 74 20.53 3.00 4.48
CA TYR A 74 19.26 2.50 4.99
C TYR A 74 18.74 1.35 4.13
N LEU A 75 18.90 1.48 2.82
CA LEU A 75 18.43 0.50 1.86
C LEU A 75 19.41 -0.66 1.72
N LYS A 76 20.69 -0.44 1.98
CA LYS A 76 21.73 -1.44 1.87
C LYS A 76 21.36 -2.77 2.50
N PRO A 77 21.22 -2.77 3.83
CA PRO A 77 20.87 -3.98 4.58
C PRO A 77 19.59 -4.63 4.05
N LEU A 78 18.53 -3.85 3.94
CA LEU A 78 17.23 -4.30 3.47
C LEU A 78 17.34 -5.10 2.17
N VAL A 79 18.01 -4.51 1.19
CA VAL A 79 18.16 -5.20 -0.09
C VAL A 79 18.98 -6.47 0.06
N ALA A 80 19.87 -6.45 1.05
CA ALA A 80 20.73 -7.60 1.33
C ALA A 80 19.89 -8.77 1.84
N LYS A 81 18.89 -8.45 2.65
CA LYS A 81 18.00 -9.43 3.23
C LYS A 81 16.95 -9.93 2.26
N GLY A 82 16.94 -9.37 1.05
CA GLY A 82 15.97 -9.82 0.07
C GLY A 82 14.90 -8.86 -0.38
N LEU A 83 14.94 -7.59 0.06
CA LEU A 83 13.90 -6.64 -0.38
C LEU A 83 13.94 -6.49 -1.89
N ARG A 84 12.81 -6.67 -2.55
CA ARG A 84 12.76 -6.57 -4.01
C ARG A 84 11.97 -5.37 -4.48
N SER A 85 11.40 -4.56 -3.57
CA SER A 85 10.61 -3.43 -4.08
C SER A 85 10.28 -2.43 -2.99
N VAL A 86 9.97 -1.22 -3.43
CA VAL A 86 9.61 -0.12 -2.52
C VAL A 86 8.65 0.84 -3.22
N ILE A 87 7.79 1.48 -2.44
CA ILE A 87 6.82 2.45 -2.97
C ILE A 87 7.16 3.84 -2.42
N LEU A 88 7.59 4.73 -3.31
CA LEU A 88 8.02 6.07 -2.98
C LEU A 88 6.91 7.06 -2.70
N PHE A 89 7.12 7.79 -1.61
CA PHE A 89 6.25 8.86 -1.13
C PHE A 89 7.07 10.14 -0.94
N GLY A 90 6.80 11.18 -1.73
CA GLY A 90 7.57 12.40 -1.59
C GLY A 90 7.08 13.37 -0.53
N VAL A 91 8.00 13.89 0.28
CA VAL A 91 7.65 14.84 1.33
C VAL A 91 8.48 16.12 1.20
N PRO A 92 8.05 17.02 0.31
CA PRO A 92 8.77 18.28 0.10
C PRO A 92 8.61 19.22 1.29
N LEU A 93 9.69 19.45 2.04
CA LEU A 93 9.60 20.28 3.24
C LEU A 93 9.96 21.73 2.97
N ILE A 94 10.74 21.99 1.93
CA ILE A 94 11.14 23.35 1.61
C ILE A 94 9.96 24.28 1.41
N PRO A 95 10.02 25.43 2.09
CA PRO A 95 9.02 26.49 2.12
C PRO A 95 8.66 27.01 0.74
N GLY A 96 7.40 27.43 0.59
CA GLY A 96 6.92 27.96 -0.66
C GLY A 96 6.98 26.96 -1.80
N THR A 97 7.04 25.68 -1.46
CA THR A 97 7.13 24.63 -2.46
C THR A 97 5.75 24.19 -2.96
N LYS A 98 4.85 23.90 -2.02
CA LYS A 98 3.51 23.46 -2.37
C LYS A 98 2.68 24.59 -2.95
N ASP A 99 1.72 24.24 -3.80
CA ASP A 99 0.84 25.20 -4.43
C ASP A 99 -0.47 24.56 -4.88
N PRO A 100 -1.35 25.41 -5.45
CA PRO A 100 -2.67 25.08 -5.95
C PRO A 100 -2.70 23.96 -6.96
N VAL A 101 -1.69 23.84 -7.82
CA VAL A 101 -1.70 22.80 -8.83
C VAL A 101 -0.68 21.72 -8.58
N GLY A 102 -0.14 21.64 -7.37
CA GLY A 102 0.84 20.61 -7.07
C GLY A 102 1.94 20.52 -8.12
N THR A 103 2.43 21.70 -8.52
CA THR A 103 3.47 21.82 -9.51
C THR A 103 4.70 20.99 -9.16
N ALA A 104 5.05 20.97 -7.88
CA ALA A 104 6.22 20.26 -7.40
C ALA A 104 6.07 18.75 -7.51
N ALA A 105 4.88 18.25 -7.79
CA ALA A 105 4.60 16.84 -7.93
C ALA A 105 5.62 16.11 -8.80
N ASP A 106 5.86 16.64 -10.00
CA ASP A 106 6.83 16.00 -10.89
C ASP A 106 8.10 16.81 -11.03
N ASP A 107 8.37 17.64 -10.02
CA ASP A 107 9.58 18.47 -10.02
C ASP A 107 10.82 17.60 -10.17
N PRO A 108 11.51 17.72 -11.32
CA PRO A 108 12.70 16.90 -11.56
C PRO A 108 13.69 16.95 -10.41
N ALA A 109 13.59 17.97 -9.56
CA ALA A 109 14.51 18.10 -8.45
C ALA A 109 13.89 17.72 -7.12
N GLY A 110 12.68 17.20 -7.15
CA GLY A 110 12.00 16.80 -5.92
C GLY A 110 12.47 15.46 -5.38
N PRO A 111 12.05 15.15 -4.15
CA PRO A 111 12.43 13.90 -3.49
C PRO A 111 12.06 12.67 -4.30
N VAL A 112 10.88 12.66 -4.90
CA VAL A 112 10.47 11.52 -5.68
C VAL A 112 11.38 11.23 -6.85
N ILE A 113 11.41 12.10 -7.86
CA ILE A 113 12.25 11.88 -9.02
C ILE A 113 13.72 11.75 -8.65
N GLN A 114 14.16 12.48 -7.63
CA GLN A 114 15.57 12.36 -7.22
C GLN A 114 15.79 10.97 -6.61
N GLY A 115 14.77 10.53 -5.85
CA GLY A 115 14.83 9.22 -5.23
C GLY A 115 14.90 8.14 -6.28
N ILE A 116 14.17 8.33 -7.38
CA ILE A 116 14.20 7.35 -8.46
C ILE A 116 15.60 7.23 -9.06
N LYS A 117 16.18 8.36 -9.46
CA LYS A 117 17.53 8.35 -10.04
C LYS A 117 18.53 7.70 -9.10
N PHE A 118 18.39 8.01 -7.81
CA PHE A 118 19.29 7.45 -6.81
C PHE A 118 19.23 5.92 -6.81
N ILE A 119 18.03 5.41 -6.51
CA ILE A 119 17.76 4.00 -6.45
C ILE A 119 18.16 3.28 -7.73
N ARG A 120 17.70 3.80 -8.86
CA ARG A 120 17.98 3.22 -10.16
C ARG A 120 19.48 3.03 -10.38
N GLU A 121 20.29 3.75 -9.61
CA GLU A 121 21.73 3.67 -9.73
C GLU A 121 22.38 2.87 -8.62
N TYR A 122 22.06 3.22 -7.37
CA TYR A 122 22.65 2.54 -6.24
C TYR A 122 22.01 1.19 -5.95
N PHE A 123 20.91 0.87 -6.62
CA PHE A 123 20.24 -0.42 -6.42
C PHE A 123 19.41 -0.77 -7.66
N PRO A 124 20.08 -1.19 -8.74
CA PRO A 124 19.46 -1.53 -10.01
C PRO A 124 18.54 -2.71 -9.98
N GLU A 125 18.57 -3.56 -8.97
CA GLU A 125 17.68 -4.73 -8.98
C GLU A 125 16.34 -4.41 -8.33
N LEU A 126 16.32 -3.40 -7.47
CA LEU A 126 15.13 -2.97 -6.77
C LEU A 126 14.03 -2.54 -7.74
N TYR A 127 12.78 -2.91 -7.44
CA TYR A 127 11.67 -2.49 -8.33
C TYR A 127 11.04 -1.23 -7.73
N ILE A 128 11.09 -0.12 -8.46
CA ILE A 128 10.58 1.14 -7.94
C ILE A 128 9.13 1.40 -8.27
N ILE A 129 8.36 1.69 -7.21
CA ILE A 129 6.95 2.02 -7.36
C ILE A 129 6.73 3.46 -6.87
N CYS A 130 5.95 4.26 -7.59
CA CYS A 130 5.75 5.63 -7.11
C CYS A 130 4.30 5.96 -6.86
N ASP A 131 3.97 6.38 -5.64
CA ASP A 131 2.57 6.76 -5.39
C ASP A 131 2.27 8.04 -6.18
N VAL A 132 1.15 8.06 -6.90
CA VAL A 132 0.81 9.24 -7.68
C VAL A 132 -0.38 9.99 -7.08
N CYS A 133 -0.09 11.19 -6.58
CA CYS A 133 -1.06 12.06 -6.01
C CYS A 133 -0.55 13.49 -5.84
N LEU A 134 -1.47 14.42 -5.67
CA LEU A 134 -1.17 15.84 -5.51
C LEU A 134 -1.29 16.29 -4.07
N CYS A 135 -1.80 15.44 -3.19
CA CYS A 135 -2.02 15.70 -1.80
C CYS A 135 -0.80 16.20 -1.05
N GLU A 136 0.38 15.67 -1.34
CA GLU A 136 1.57 16.09 -0.61
C GLU A 136 2.29 17.25 -1.29
N TYR A 137 1.64 17.87 -2.27
CA TYR A 137 2.27 18.97 -3.00
C TYR A 137 1.35 20.17 -3.13
N THR A 138 0.05 19.96 -2.94
CA THR A 138 -0.88 21.08 -3.06
C THR A 138 -0.93 21.89 -1.77
N SER A 139 -1.07 23.20 -1.91
CA SER A 139 -1.12 24.13 -0.79
C SER A 139 -2.20 23.71 0.22
N HIS A 140 -3.35 23.30 -0.30
CA HIS A 140 -4.46 22.88 0.54
C HIS A 140 -4.24 21.51 1.16
N GLY A 141 -3.53 20.62 0.46
CA GLY A 141 -3.29 19.31 1.01
C GLY A 141 -4.11 18.18 0.43
N HIS A 142 -5.25 18.51 -0.18
CA HIS A 142 -6.11 17.50 -0.79
C HIS A 142 -5.37 16.78 -1.92
N CYS A 143 -5.89 15.65 -2.39
CA CYS A 143 -5.24 14.92 -3.45
C CYS A 143 -5.59 15.43 -4.84
N GLY A 144 -5.90 16.71 -5.02
CA GLY A 144 -6.20 17.16 -6.37
C GLY A 144 -6.39 18.65 -6.55
N VAL A 145 -6.73 19.05 -7.76
CA VAL A 145 -6.96 20.47 -8.05
C VAL A 145 -8.39 20.87 -7.68
N LEU A 146 -8.56 21.67 -6.63
CA LEU A 146 -9.91 22.03 -6.22
C LEU A 146 -10.34 23.38 -6.77
N TYR A 147 -11.65 23.55 -6.83
CA TYR A 147 -12.25 24.82 -7.26
C TYR A 147 -12.19 25.81 -6.08
N ASP A 148 -12.52 27.07 -6.33
CA ASP A 148 -12.53 28.06 -5.23
C ASP A 148 -13.66 27.67 -4.26
N ASP A 149 -14.52 26.82 -4.79
CA ASP A 149 -15.67 26.26 -4.09
C ASP A 149 -15.21 25.20 -3.08
N GLY A 150 -13.96 24.79 -3.25
CA GLY A 150 -13.37 23.80 -2.37
C GLY A 150 -13.31 22.41 -3.00
N THR A 151 -14.40 22.01 -3.64
CA THR A 151 -14.52 20.72 -4.26
C THR A 151 -13.41 20.44 -5.27
N ILE A 152 -13.26 19.17 -5.62
CA ILE A 152 -12.25 18.74 -6.56
C ILE A 152 -12.74 18.84 -8.00
N ASN A 153 -11.88 19.39 -8.85
CA ASN A 153 -12.20 19.52 -10.28
C ASN A 153 -11.57 18.35 -11.05
N ARG A 154 -12.37 17.30 -11.23
CA ARG A 154 -12.04 16.08 -11.88
C ARG A 154 -11.10 16.23 -13.06
N GLU A 155 -11.61 16.85 -14.11
CA GLU A 155 -10.89 17.08 -15.35
C GLU A 155 -9.51 17.66 -15.13
N ARG A 156 -9.43 18.81 -14.46
CA ARG A 156 -8.13 19.44 -14.22
C ARG A 156 -7.20 18.52 -13.44
N SER A 157 -7.68 18.03 -12.30
CA SER A 157 -6.91 17.15 -11.44
C SER A 157 -6.41 15.93 -12.19
N VAL A 158 -7.33 15.20 -12.81
CA VAL A 158 -6.97 14.01 -13.56
C VAL A 158 -5.95 14.31 -14.65
N SER A 159 -6.13 15.45 -15.34
CA SER A 159 -5.16 15.79 -16.40
C SER A 159 -3.78 16.03 -15.76
N ARG A 160 -3.84 16.59 -14.55
CA ARG A 160 -2.61 16.85 -13.80
C ARG A 160 -1.97 15.52 -13.38
N LEU A 161 -2.79 14.63 -12.84
CA LEU A 161 -2.33 13.32 -12.39
C LEU A 161 -1.63 12.55 -13.48
N ALA A 162 -2.21 12.49 -14.68
CA ALA A 162 -1.57 11.75 -15.77
C ALA A 162 -0.19 12.30 -16.07
N ALA A 163 -0.06 13.62 -15.90
CA ALA A 163 1.22 14.29 -16.15
C ALA A 163 2.29 13.79 -15.18
N VAL A 164 2.00 13.86 -13.89
CA VAL A 164 2.93 13.42 -12.86
C VAL A 164 3.30 11.94 -13.04
N ALA A 165 2.30 11.10 -13.23
CA ALA A 165 2.51 9.67 -13.43
C ALA A 165 3.50 9.40 -14.55
N VAL A 166 3.20 9.94 -15.72
CA VAL A 166 4.06 9.78 -16.90
C VAL A 166 5.44 10.33 -16.64
N ASN A 167 5.52 11.42 -15.87
CA ASN A 167 6.83 12.00 -15.58
C ASN A 167 7.64 11.07 -14.70
N TYR A 168 6.97 10.41 -13.75
CA TYR A 168 7.71 9.45 -12.89
C TYR A 168 8.26 8.31 -13.76
N ALA A 169 7.42 7.82 -14.65
CA ALA A 169 7.82 6.75 -15.57
C ALA A 169 9.01 7.19 -16.41
N LYS A 170 8.94 8.42 -16.90
CA LYS A 170 10.03 8.99 -17.70
C LYS A 170 11.31 9.10 -16.86
N ALA A 171 11.14 9.30 -15.56
CA ALA A 171 12.25 9.43 -14.63
C ALA A 171 12.93 8.10 -14.37
N GLY A 172 12.25 7.00 -14.62
CA GLY A 172 12.85 5.69 -14.40
C GLY A 172 12.06 4.77 -13.50
N ALA A 173 10.94 5.25 -12.96
CA ALA A 173 10.09 4.42 -12.09
C ALA A 173 9.45 3.30 -12.90
N HIS A 174 9.50 2.08 -12.37
CA HIS A 174 8.91 0.94 -13.07
C HIS A 174 7.39 0.94 -12.95
N CYS A 175 6.86 1.46 -11.83
CA CYS A 175 5.41 1.37 -11.64
C CYS A 175 4.85 2.62 -10.99
N VAL A 176 3.61 2.94 -11.36
CA VAL A 176 2.90 4.08 -10.81
C VAL A 176 1.60 3.64 -10.13
N ALA A 177 1.36 4.16 -8.94
CA ALA A 177 0.17 3.82 -8.16
C ALA A 177 -0.59 5.07 -7.71
N PRO A 178 -1.63 5.45 -8.47
CA PRO A 178 -2.43 6.63 -8.13
C PRO A 178 -3.36 6.35 -6.94
N SER A 179 -3.18 7.08 -5.85
CA SER A 179 -3.98 6.88 -4.64
C SER A 179 -5.01 7.98 -4.46
N ASP A 180 -5.23 8.78 -5.49
CA ASP A 180 -6.17 9.89 -5.45
C ASP A 180 -7.59 9.44 -5.14
N MET A 181 -8.18 8.74 -6.09
CA MET A 181 -9.52 8.21 -6.05
C MET A 181 -10.46 8.89 -7.02
N ILE A 182 -9.97 9.94 -7.69
CA ILE A 182 -10.80 10.67 -8.65
C ILE A 182 -11.22 9.75 -9.79
N ASP A 183 -12.51 9.74 -10.11
CA ASP A 183 -13.06 8.91 -11.17
C ASP A 183 -12.29 9.09 -12.48
N GLY A 184 -12.09 8.00 -13.20
CA GLY A 184 -11.41 7.99 -14.46
C GLY A 184 -9.94 8.27 -14.54
N ARG A 185 -9.27 8.56 -13.42
CA ARG A 185 -7.84 8.86 -13.49
C ARG A 185 -7.04 7.71 -14.06
N ILE A 186 -7.46 6.47 -13.81
CA ILE A 186 -6.70 5.34 -14.34
C ILE A 186 -6.65 5.36 -15.86
N ARG A 187 -7.78 5.64 -16.50
CA ARG A 187 -7.80 5.68 -17.97
C ARG A 187 -6.89 6.80 -18.49
N ASP A 188 -6.97 7.97 -17.87
CA ASP A 188 -6.13 9.08 -18.35
C ASP A 188 -4.67 8.82 -18.16
N ILE A 189 -4.31 8.11 -17.08
CA ILE A 189 -2.89 7.81 -16.86
C ILE A 189 -2.43 6.75 -17.85
N LYS A 190 -3.28 5.77 -18.13
CA LYS A 190 -2.94 4.71 -19.09
C LYS A 190 -2.67 5.33 -20.47
N ARG A 191 -3.56 6.23 -20.86
CA ARG A 191 -3.44 6.92 -22.15
C ARG A 191 -2.13 7.71 -22.20
N GLY A 192 -1.94 8.58 -21.20
CA GLY A 192 -0.71 9.34 -21.14
C GLY A 192 0.48 8.41 -21.30
N LEU A 193 0.46 7.29 -20.57
CA LEU A 193 1.58 6.36 -20.68
C LEU A 193 1.68 5.81 -22.10
N ILE A 194 0.51 5.56 -22.69
CA ILE A 194 0.51 5.05 -24.07
C ILE A 194 1.15 6.05 -25.02
N ASN A 195 0.68 7.29 -24.95
CA ASN A 195 1.22 8.36 -25.80
C ASN A 195 2.69 8.60 -25.51
N ALA A 196 3.09 8.45 -24.25
CA ALA A 196 4.50 8.64 -23.90
C ALA A 196 5.31 7.41 -24.31
N ASN A 197 4.66 6.47 -24.96
CA ASN A 197 5.28 5.22 -25.38
C ASN A 197 5.98 4.53 -24.22
N LEU A 198 5.28 4.51 -23.08
CA LEU A 198 5.84 3.87 -21.88
C LEU A 198 4.89 2.83 -21.31
N ALA A 199 3.70 2.70 -21.91
CA ALA A 199 2.69 1.77 -21.44
C ALA A 199 3.18 0.34 -21.38
N HIS A 200 4.18 -0.01 -22.18
CA HIS A 200 4.66 -1.39 -22.19
C HIS A 200 5.82 -1.60 -21.22
N LYS A 201 6.09 -0.62 -20.36
CA LYS A 201 7.21 -0.75 -19.43
C LYS A 201 6.78 -0.37 -18.01
N THR A 202 5.61 0.26 -17.90
CA THR A 202 5.13 0.74 -16.62
C THR A 202 3.92 -0.01 -16.12
N PHE A 203 4.09 -0.65 -14.96
CA PHE A 203 2.97 -1.37 -14.35
C PHE A 203 2.05 -0.37 -13.65
N VAL A 204 0.76 -0.37 -14.01
CA VAL A 204 -0.15 0.57 -13.36
C VAL A 204 -0.85 -0.14 -12.18
N LEU A 205 -0.38 0.18 -10.98
CA LEU A 205 -0.88 -0.38 -9.72
C LEU A 205 -1.83 0.61 -9.05
N SER A 206 -3.09 0.55 -9.49
CA SER A 206 -4.10 1.45 -9.01
C SER A 206 -4.60 1.19 -7.60
N TYR A 207 -4.80 2.26 -6.84
CA TYR A 207 -5.46 2.14 -5.54
C TYR A 207 -6.98 2.10 -5.80
N ALA A 208 -7.42 0.95 -6.30
CA ALA A 208 -8.80 0.71 -6.69
C ALA A 208 -9.77 0.81 -5.53
N ALA A 209 -9.40 0.27 -4.37
CA ALA A 209 -10.31 0.31 -3.24
C ALA A 209 -9.66 0.93 -2.01
N LYS A 210 -9.69 2.26 -1.95
CA LYS A 210 -9.12 3.00 -0.83
C LYS A 210 -10.26 3.62 -0.02
N PHE A 211 -10.49 3.11 1.19
CA PHE A 211 -11.60 3.59 2.00
C PHE A 211 -11.20 4.71 2.94
N SER A 212 -12.12 5.65 3.15
CA SER A 212 -11.84 6.71 4.12
C SER A 212 -12.09 6.14 5.53
N GLY A 213 -11.31 6.54 6.54
CA GLY A 213 -11.54 6.00 7.86
C GLY A 213 -10.62 6.57 8.92
N ASN A 214 -10.56 5.89 10.05
CA ASN A 214 -9.76 6.28 11.21
C ASN A 214 -8.42 5.58 11.25
N LEU A 215 -7.85 5.14 10.13
CA LEU A 215 -6.58 4.44 10.23
C LEU A 215 -5.44 5.07 9.50
N TYR A 216 -5.48 6.33 9.05
CA TYR A 216 -4.31 6.85 8.34
C TYR A 216 -3.52 7.82 9.20
N GLY A 217 -3.82 7.87 10.49
CA GLY A 217 -3.16 8.77 11.40
C GLY A 217 -1.67 8.97 11.23
N PRO A 218 -0.87 7.95 11.60
CA PRO A 218 0.59 8.08 11.51
C PRO A 218 1.05 8.65 10.18
N PHE A 219 0.67 8.02 9.08
CA PHE A 219 1.04 8.43 7.74
C PHE A 219 0.86 9.92 7.50
N ARG A 220 -0.26 10.48 7.96
CA ARG A 220 -0.48 11.91 7.75
C ARG A 220 0.60 12.74 8.45
N ASP A 221 1.02 12.28 9.62
CA ASP A 221 2.04 12.98 10.40
C ASP A 221 3.37 13.05 9.64
N ALA A 222 3.70 11.97 8.94
CA ALA A 222 4.93 11.83 8.19
C ALA A 222 4.88 12.44 6.81
N ALA A 223 3.80 12.24 6.06
CA ALA A 223 3.72 12.78 4.70
C ALA A 223 3.38 14.27 4.73
N CYS A 224 3.07 14.73 5.93
CA CYS A 224 2.74 16.11 6.16
C CYS A 224 1.46 16.55 5.55
N SER A 225 0.98 15.87 4.49
CA SER A 225 -0.35 16.29 3.98
C SER A 225 -1.37 15.92 5.08
N ALA A 226 -1.79 16.95 5.79
CA ALA A 226 -2.61 16.95 6.95
C ALA A 226 -4.09 16.96 6.77
N PRO A 227 -4.74 16.17 5.91
CA PRO A 227 -6.19 16.32 6.22
C PRO A 227 -6.42 16.04 7.71
N SER A 228 -7.26 16.85 8.34
CA SER A 228 -7.68 16.85 9.68
C SER A 228 -7.72 15.56 10.43
N ASN A 229 -8.92 15.00 10.52
CA ASN A 229 -9.21 13.78 11.25
C ASN A 229 -9.97 12.78 10.36
N GLY A 230 -11.03 13.28 9.73
CA GLY A 230 -11.84 12.43 8.87
C GLY A 230 -13.15 13.09 8.48
N ASP A 231 -13.06 14.20 7.76
CA ASP A 231 -14.25 14.92 7.31
C ASP A 231 -14.19 15.20 5.82
N ARG A 232 -13.10 15.81 5.38
CA ARG A 232 -12.91 16.12 3.96
C ARG A 232 -12.45 14.88 3.20
N LYS A 233 -13.37 13.94 2.95
CA LYS A 233 -12.99 12.74 2.22
C LYS A 233 -13.39 12.84 0.75
N CYS A 234 -12.38 13.11 -0.06
CA CYS A 234 -12.47 13.26 -1.50
C CYS A 234 -13.15 12.10 -2.18
N TYR A 235 -12.39 11.26 -2.88
CA TYR A 235 -13.07 10.13 -3.53
C TYR A 235 -13.00 8.88 -2.68
N GLN A 236 -12.69 9.11 -1.39
CA GLN A 236 -12.58 8.03 -0.45
C GLN A 236 -13.91 7.34 -0.20
N LEU A 237 -13.93 6.06 -0.56
CA LEU A 237 -15.06 5.16 -0.44
C LEU A 237 -15.56 5.05 0.98
N PRO A 238 -16.87 5.19 1.19
CA PRO A 238 -17.36 5.01 2.59
C PRO A 238 -17.09 3.56 3.03
N PRO A 239 -16.74 3.35 4.29
CA PRO A 239 -16.44 2.01 4.78
C PRO A 239 -17.49 0.99 4.47
N ALA A 240 -18.77 1.37 4.48
CA ALA A 240 -19.85 0.43 4.21
C ALA A 240 -20.07 0.24 2.71
N GLY A 241 -19.42 1.06 1.91
CA GLY A 241 -19.57 1.03 0.47
C GLY A 241 -19.00 -0.14 -0.30
N ARG A 242 -19.57 -1.33 -0.09
CA ARG A 242 -19.08 -2.52 -0.80
C ARG A 242 -19.43 -2.44 -2.28
N GLY A 243 -20.64 -1.95 -2.55
CA GLY A 243 -21.09 -1.84 -3.94
C GLY A 243 -20.14 -0.96 -4.74
N LEU A 244 -19.89 0.24 -4.22
CA LEU A 244 -18.98 1.18 -4.89
C LEU A 244 -17.59 0.55 -5.05
N ALA A 245 -17.11 -0.10 -3.98
CA ALA A 245 -15.80 -0.73 -4.04
C ALA A 245 -15.75 -1.76 -5.17
N ARG A 246 -16.82 -2.55 -5.31
CA ARG A 246 -16.83 -3.54 -6.38
C ARG A 246 -16.84 -2.87 -7.75
N ARG A 247 -17.58 -1.77 -7.86
CA ARG A 247 -17.65 -1.06 -9.13
C ARG A 247 -16.34 -0.38 -9.46
N ALA A 248 -15.68 0.18 -8.45
CA ALA A 248 -14.39 0.83 -8.66
C ALA A 248 -13.35 -0.17 -9.15
N LEU A 249 -13.45 -1.41 -8.67
CA LEU A 249 -12.48 -2.42 -9.11
C LEU A 249 -12.70 -2.74 -10.59
N GLU A 250 -13.95 -2.94 -10.98
CA GLU A 250 -14.24 -3.26 -12.39
C GLU A 250 -13.86 -2.09 -13.28
N ARG A 251 -13.99 -0.88 -12.75
CA ARG A 251 -13.65 0.33 -13.50
C ARG A 251 -12.15 0.44 -13.75
N ASP A 252 -11.36 0.47 -12.68
CA ASP A 252 -9.93 0.59 -12.79
C ASP A 252 -9.32 -0.50 -13.65
N MET A 253 -9.79 -1.74 -13.49
CA MET A 253 -9.25 -2.84 -14.30
C MET A 253 -9.56 -2.58 -15.77
N SER A 254 -10.77 -2.10 -16.01
CA SER A 254 -11.22 -1.80 -17.36
C SER A 254 -10.47 -0.62 -17.96
N GLU A 255 -9.93 0.26 -17.12
CA GLU A 255 -9.22 1.44 -17.55
C GLU A 255 -7.74 1.23 -17.74
N GLY A 256 -7.23 0.01 -17.55
CA GLY A 256 -5.82 -0.21 -17.76
C GLY A 256 -4.98 -0.71 -16.60
N ALA A 257 -5.52 -0.72 -15.39
CA ALA A 257 -4.76 -1.17 -14.22
C ALA A 257 -4.19 -2.57 -14.44
N ASP A 258 -2.93 -2.76 -14.10
CA ASP A 258 -2.27 -4.05 -14.28
C ASP A 258 -2.33 -4.86 -12.98
N GLY A 259 -2.66 -4.15 -11.92
CA GLY A 259 -2.79 -4.73 -10.60
C GLY A 259 -3.57 -3.77 -9.73
N ILE A 260 -4.23 -4.29 -8.70
CA ILE A 260 -5.01 -3.42 -7.83
C ILE A 260 -4.56 -3.55 -6.38
N ILE A 261 -4.78 -2.47 -5.64
CA ILE A 261 -4.43 -2.40 -4.23
C ILE A 261 -5.71 -2.22 -3.40
N VAL A 262 -5.80 -2.95 -2.30
CA VAL A 262 -6.98 -2.77 -1.42
C VAL A 262 -6.48 -2.13 -0.12
N LYS A 263 -7.16 -1.10 0.37
CA LYS A 263 -6.64 -0.46 1.59
C LYS A 263 -7.72 0.36 2.28
N PRO A 264 -7.77 0.28 3.62
CA PRO A 264 -6.88 -0.54 4.44
C PRO A 264 -6.94 -2.01 4.09
N SER A 265 -6.16 -2.83 4.79
CA SER A 265 -6.10 -4.26 4.52
C SER A 265 -6.95 -5.08 5.45
N THR A 266 -6.47 -5.29 6.67
CA THR A 266 -7.11 -6.05 7.71
C THR A 266 -8.59 -5.73 7.86
N PHE A 267 -8.90 -4.45 8.01
CA PHE A 267 -10.28 -4.04 8.17
C PHE A 267 -11.08 -4.14 6.89
N TYR A 268 -10.45 -4.60 5.81
CA TYR A 268 -11.18 -4.73 4.54
C TYR A 268 -10.90 -6.05 3.86
N LEU A 269 -10.64 -7.08 4.66
CA LEU A 269 -10.36 -8.40 4.12
C LEU A 269 -11.47 -8.92 3.23
N ASP A 270 -12.74 -8.66 3.53
CA ASP A 270 -13.79 -9.21 2.65
C ASP A 270 -13.71 -8.54 1.28
N ILE A 271 -13.14 -7.33 1.28
CA ILE A 271 -13.02 -6.62 0.01
C ILE A 271 -11.96 -7.25 -0.87
N MET A 272 -10.84 -7.70 -0.30
CA MET A 272 -9.85 -8.35 -1.16
C MET A 272 -10.45 -9.65 -1.74
N ARG A 273 -11.39 -10.18 -0.97
CA ARG A 273 -12.11 -11.41 -1.32
C ARG A 273 -12.94 -11.15 -2.60
N ASP A 274 -13.66 -10.04 -2.56
CA ASP A 274 -14.48 -9.61 -3.70
C ASP A 274 -13.58 -9.32 -4.90
N ALA A 275 -12.47 -8.63 -4.60
CA ALA A 275 -11.48 -8.29 -5.63
C ALA A 275 -10.90 -9.57 -6.24
N SER A 276 -10.67 -10.58 -5.41
CA SER A 276 -10.10 -11.82 -5.88
C SER A 276 -10.96 -12.51 -6.92
N GLU A 277 -12.24 -12.15 -6.98
CA GLU A 277 -13.14 -12.72 -8.00
C GLU A 277 -13.25 -11.76 -9.19
N ILE A 278 -13.44 -10.48 -8.88
CA ILE A 278 -13.56 -9.45 -9.91
C ILE A 278 -12.27 -9.34 -10.73
N CYS A 279 -11.16 -9.15 -10.04
CA CYS A 279 -9.85 -9.04 -10.67
C CYS A 279 -9.06 -10.34 -10.53
N LYS A 280 -9.75 -11.46 -10.79
CA LYS A 280 -9.17 -12.77 -10.71
C LYS A 280 -7.96 -12.94 -11.59
N ASP A 281 -7.76 -12.09 -12.59
CA ASP A 281 -6.60 -12.25 -13.46
C ASP A 281 -5.51 -11.24 -13.14
N LEU A 282 -5.73 -10.35 -12.17
CA LEU A 282 -4.74 -9.33 -11.86
C LEU A 282 -4.14 -9.50 -10.47
N PRO A 283 -2.84 -9.16 -10.37
CA PRO A 283 -2.23 -9.27 -9.04
C PRO A 283 -2.97 -8.36 -8.05
N ILE A 284 -3.30 -8.90 -6.87
CA ILE A 284 -3.98 -8.10 -5.85
C ILE A 284 -3.02 -7.79 -4.70
N CYS A 285 -2.93 -6.51 -4.35
CA CYS A 285 -2.02 -6.09 -3.29
C CYS A 285 -2.77 -5.50 -2.10
N ALA A 286 -2.34 -5.88 -0.91
CA ALA A 286 -2.97 -5.35 0.30
C ALA A 286 -2.06 -4.29 0.93
N TYR A 287 -2.65 -3.21 1.45
CA TYR A 287 -1.81 -2.18 2.06
C TYR A 287 -2.04 -2.10 3.56
N HIS A 288 -1.07 -2.61 4.31
CA HIS A 288 -1.19 -2.57 5.79
C HIS A 288 -0.88 -1.13 6.24
N VAL A 289 -1.89 -0.27 6.16
CA VAL A 289 -1.78 1.13 6.48
C VAL A 289 -1.09 1.41 7.80
N SER A 290 -0.53 2.61 7.89
CA SER A 290 0.18 3.11 9.03
C SER A 290 -0.58 2.96 10.33
N GLY A 291 -1.91 3.07 10.25
CA GLY A 291 -2.74 2.94 11.43
C GLY A 291 -2.92 1.53 11.94
N GLU A 292 -2.97 0.57 11.02
CA GLU A 292 -3.14 -0.84 11.40
C GLU A 292 -1.85 -1.35 12.07
N TYR A 293 -0.73 -0.95 11.47
CA TYR A 293 0.60 -1.31 11.97
C TYR A 293 0.90 -0.61 13.28
N ALA A 294 0.40 0.63 13.40
CA ALA A 294 0.60 1.37 14.65
C ALA A 294 -0.30 0.76 15.73
N MET A 295 -1.36 0.12 15.26
CA MET A 295 -2.31 -0.55 16.14
C MET A 295 -1.72 -1.87 16.66
N LEU A 296 -1.00 -2.57 15.79
CA LEU A 296 -0.37 -3.82 16.23
C LEU A 296 0.69 -3.52 17.30
N HIS A 297 1.46 -2.46 17.07
CA HIS A 297 2.50 -2.06 18.01
C HIS A 297 1.91 -1.71 19.36
N ALA A 298 0.83 -0.91 19.36
CA ALA A 298 0.18 -0.51 20.60
C ALA A 298 -0.24 -1.71 21.43
N ALA A 299 -1.10 -2.55 20.87
CA ALA A 299 -1.60 -3.75 21.55
C ALA A 299 -0.44 -4.61 22.05
N ALA A 300 0.58 -4.74 21.21
CA ALA A 300 1.75 -5.54 21.60
C ALA A 300 2.43 -4.89 22.82
N GLU A 301 2.50 -3.57 22.78
CA GLU A 301 3.09 -2.80 23.89
C GLU A 301 2.38 -3.11 25.20
N LYS A 302 1.05 -3.05 25.17
CA LYS A 302 0.24 -3.32 26.35
C LYS A 302 0.16 -4.83 26.60
N GLY A 303 0.93 -5.58 25.82
CA GLY A 303 0.96 -7.02 25.94
C GLY A 303 -0.36 -7.72 25.67
N VAL A 304 -1.12 -7.21 24.70
CA VAL A 304 -2.41 -7.78 24.34
C VAL A 304 -2.24 -8.89 23.32
N VAL A 305 -1.13 -8.85 22.60
CA VAL A 305 -0.81 -9.85 21.57
C VAL A 305 0.70 -9.84 21.31
N ASP A 306 1.25 -10.95 20.84
CA ASP A 306 2.71 -10.90 20.56
C ASP A 306 2.92 -10.22 19.20
N LEU A 307 3.82 -9.25 19.12
CA LEU A 307 4.05 -8.54 17.88
C LEU A 307 4.34 -9.45 16.70
N LYS A 308 5.38 -10.28 16.80
CA LYS A 308 5.76 -11.18 15.74
C LYS A 308 4.67 -12.14 15.33
N THR A 309 3.81 -12.54 16.26
CA THR A 309 2.76 -13.50 15.96
C THR A 309 1.58 -12.85 15.23
N ILE A 310 1.09 -11.76 15.78
CA ILE A 310 -0.05 -11.05 15.19
C ILE A 310 0.30 -10.50 13.81
N ALA A 311 1.57 -10.29 13.55
CA ALA A 311 2.02 -9.79 12.24
C ALA A 311 1.86 -10.92 11.20
N PHE A 312 2.29 -12.10 11.60
CA PHE A 312 2.19 -13.29 10.73
C PHE A 312 0.73 -13.63 10.50
N GLU A 313 -0.06 -13.62 11.58
CA GLU A 313 -1.49 -13.92 11.45
C GLU A 313 -2.17 -12.91 10.52
N SER A 314 -1.93 -11.63 10.77
CA SER A 314 -2.51 -10.57 9.96
C SER A 314 -2.05 -10.64 8.51
N HIS A 315 -0.74 -10.73 8.30
CA HIS A 315 -0.21 -10.78 6.95
C HIS A 315 -0.64 -12.03 6.20
N GLN A 316 -0.67 -13.16 6.88
CA GLN A 316 -1.13 -14.39 6.19
C GLN A 316 -2.62 -14.20 5.83
N GLY A 317 -3.23 -13.33 6.62
CA GLY A 317 -4.64 -13.01 6.39
C GLY A 317 -4.77 -12.37 5.02
N PHE A 318 -3.80 -11.53 4.66
CA PHE A 318 -3.87 -10.88 3.34
C PHE A 318 -3.84 -11.95 2.24
N LEU A 319 -2.85 -12.83 2.34
CA LEU A 319 -2.66 -13.90 1.39
C LEU A 319 -3.90 -14.78 1.28
N ARG A 320 -4.52 -15.07 2.43
CA ARG A 320 -5.72 -15.89 2.44
C ARG A 320 -6.89 -15.19 1.79
N ALA A 321 -7.04 -13.89 2.03
CA ALA A 321 -8.16 -13.14 1.46
C ALA A 321 -8.05 -13.02 -0.05
N GLY A 322 -6.89 -13.39 -0.60
CA GLY A 322 -6.73 -13.31 -2.04
C GLY A 322 -5.54 -12.52 -2.54
N ALA A 323 -4.93 -11.72 -1.67
CA ALA A 323 -3.78 -10.91 -2.05
C ALA A 323 -2.53 -11.76 -2.29
N ARG A 324 -1.69 -11.27 -3.20
CA ARG A 324 -0.43 -11.91 -3.53
C ARG A 324 0.73 -10.95 -3.43
N LEU A 325 0.42 -9.73 -3.02
CA LEU A 325 1.41 -8.66 -2.82
C LEU A 325 1.10 -7.92 -1.51
N ILE A 326 2.11 -7.40 -0.82
CA ILE A 326 1.81 -6.71 0.41
C ILE A 326 2.69 -5.50 0.64
N ILE A 327 2.05 -4.34 0.76
CA ILE A 327 2.85 -3.12 1.09
C ILE A 327 2.79 -2.98 2.63
N THR A 328 3.91 -3.08 3.31
CA THR A 328 3.81 -3.00 4.78
C THR A 328 5.08 -2.42 5.39
N TYR A 329 4.87 -1.76 6.52
CA TYR A 329 5.96 -1.14 7.29
C TYR A 329 6.68 -2.22 8.10
N LEU A 330 6.18 -3.44 8.04
CA LEU A 330 6.80 -4.53 8.78
C LEU A 330 7.80 -5.29 7.93
N ALA A 331 7.96 -4.84 6.69
CA ALA A 331 8.88 -5.42 5.73
C ALA A 331 10.26 -5.66 6.30
N PRO A 332 10.82 -4.67 7.01
CA PRO A 332 12.16 -4.96 7.56
C PRO A 332 12.13 -6.26 8.39
N GLU A 333 11.15 -6.34 9.28
CA GLU A 333 10.99 -7.49 10.16
C GLU A 333 10.79 -8.79 9.40
N PHE A 334 9.79 -8.84 8.52
CA PHE A 334 9.52 -10.04 7.76
C PHE A 334 10.73 -10.53 6.99
N LEU A 335 11.54 -9.59 6.50
CA LEU A 335 12.74 -9.96 5.75
C LEU A 335 13.69 -10.77 6.62
N ASP A 336 13.42 -10.72 7.92
CA ASP A 336 14.18 -11.46 8.93
C ASP A 336 13.43 -12.75 9.27
N TRP A 337 12.18 -12.58 9.69
CA TRP A 337 11.30 -13.68 10.06
C TRP A 337 11.23 -14.75 8.97
N LEU A 338 10.99 -14.35 7.73
CA LEU A 338 10.88 -15.29 6.62
C LEU A 338 12.14 -16.14 6.47
N ASP A 339 13.23 -15.74 7.11
CA ASP A 339 14.50 -16.45 6.99
C ASP A 339 14.60 -17.61 7.98
N GLU A 340 14.26 -17.36 9.23
CA GLU A 340 14.32 -18.32 10.30
C GLU A 340 13.69 -19.65 9.93
N GLU A 341 14.56 -20.56 9.49
CA GLU A 341 14.25 -21.91 9.04
C GLU A 341 15.56 -22.67 8.75
N ASN A 342 15.47 -23.83 8.13
CA ASN A 342 16.69 -24.60 7.82
C ASN A 342 17.33 -25.10 9.12
C4 SHU B . -2.01 5.26 1.91
C5 SHU B . -1.32 6.46 1.28
C6 SHU B . -1.98 6.86 -0.04
O6 SHU B . -1.35 7.31 -1.02
C7 SHU B . -3.49 6.69 -0.14
C3 SHU B . -1.34 4.64 3.13
C2 SHU B . -1.57 5.51 4.36
C1 SHU B . -0.97 4.90 5.61
O1 SHU B . 0.02 4.15 5.52
OH1 SHU B . -1.51 5.19 6.70
ZN ZN C . -3.53 12.01 -2.30
#